data_7JX1
#
_entry.id   7JX1
#
_cell.length_a   125.980
_cell.length_b   125.980
_cell.length_c   67.340
_cell.angle_alpha   90.000
_cell.angle_beta   90.000
_cell.angle_gamma   120.000
#
_symmetry.space_group_name_H-M   'P 63'
#
loop_
_entity.id
_entity.type
_entity.pdbx_description
1 polymer 'Thymidylate synthase'
2 non-polymer 'N-(4-{[(2,4-diamino-7,8-dihydropyrido[3,2-d]pyrimidin-6-yl)methyl]amino}benzene-1-carbonyl)-L-glutamic acid'
3 non-polymer "THYMIDINE-5'-PHOSPHATE"
4 non-polymer '(2S)-2-({4-[({(6R)-2,4-diamino-5-[(1-{(2R,4S,5R)-4-hydroxy-5-[(phosphonooxy)methyl]tetrahydrofuran-2-yl}-2,4-dioxo-1,2,3,4-tetrahydropyrimidin-5-yl)methyl]-5,6,7,8-tetrahydropyrido[3,2-d]pyrimidin-6-yl}methyl)amino]benzoyl}amino)pentanedioic acid (non-preferred name)'
5 non-polymer 'PHOSPHATE ION'
6 water water
#
_entity_poly.entity_id   1
_entity_poly.type   'polypeptide(L)'
_entity_poly.pdbx_seq_one_letter_code
;(CXM)KQYLELMQKVLDEGTQKNDRTGTGTLSIFGHQMRFNLQDGFPLVTTKRCHLRSIIHELLWFLQGDTNIAYLHENN
VTIWDEWADENGDLGPVYGKQWRAWPTPDGRHIDQITTVLNQLKNDPDSRRIIVSAWNVGELDKMALAPCHAFFQFYVAD
GKLSCQLYQRSCDVFLGLPFNIASYALLVHMMAQQCDLEVGDFVWTGGDTHLYSNHMDQTHLQLSREPRPLPKLIIKRKP
ESIFDYRFEDFEIEGYDPHPGIKAPVAI
;
_entity_poly.pdbx_strand_id   A,B
#
# COMPACT_ATOMS: atom_id res chain seq x y z
N LYS A 2 12.78 -1.07 -18.74
CA LYS A 2 11.71 -1.87 -19.34
C LYS A 2 10.36 -1.82 -18.57
N GLN A 3 10.40 -2.01 -17.25
CA GLN A 3 9.18 -2.03 -16.44
C GLN A 3 8.50 -0.65 -16.46
N TYR A 4 9.29 0.41 -16.44
CA TYR A 4 8.75 1.78 -16.40
C TYR A 4 8.11 2.13 -17.74
N LEU A 5 8.72 1.77 -18.86
CA LEU A 5 8.09 2.09 -20.13
C LEU A 5 6.84 1.23 -20.36
N GLU A 6 6.83 0.00 -19.88
CA GLU A 6 5.62 -0.80 -19.94
C GLU A 6 4.47 -0.15 -19.16
N LEU A 7 4.76 0.38 -17.98
CA LEU A 7 3.75 1.11 -17.22
C LEU A 7 3.26 2.33 -17.99
N MET A 8 4.18 3.09 -18.59
CA MET A 8 3.71 4.25 -19.34
C MET A 8 2.75 3.83 -20.44
N GLN A 9 3.12 2.79 -21.21
CA GLN A 9 2.26 2.29 -22.28
C GLN A 9 0.93 1.78 -21.72
N LYS A 10 0.92 1.21 -20.52
CA LYS A 10 -0.32 0.73 -19.93
C LYS A 10 -1.25 1.90 -19.58
N VAL A 11 -0.72 2.98 -19.00
CA VAL A 11 -1.55 4.15 -18.73
C VAL A 11 -2.15 4.67 -20.03
N LEU A 12 -1.32 4.76 -21.08
CA LEU A 12 -1.79 5.28 -22.36
C LEU A 12 -2.85 4.38 -22.97
N ASP A 13 -2.66 3.08 -22.88
CA ASP A 13 -3.56 2.14 -23.53
C ASP A 13 -4.86 1.95 -22.75
N GLU A 14 -4.81 2.03 -21.42
N GLU A 14 -4.81 2.03 -21.42
CA GLU A 14 -5.97 1.63 -20.62
CA GLU A 14 -5.96 1.62 -20.62
C GLU A 14 -6.51 2.74 -19.75
C GLU A 14 -6.51 2.74 -19.74
N GLY A 15 -5.85 3.91 -19.70
CA GLY A 15 -6.25 4.94 -18.77
C GLY A 15 -7.52 5.65 -19.17
N THR A 16 -8.13 6.36 -18.24
N THR A 16 -8.11 6.30 -18.17
CA THR A 16 -9.32 7.15 -18.52
CA THR A 16 -9.30 7.16 -18.29
C THR A 16 -9.08 8.61 -18.14
C THR A 16 -8.88 8.63 -18.17
N GLN A 17 -9.74 9.52 -18.84
N GLN A 17 -9.48 9.49 -19.01
CA GLN A 17 -9.59 10.94 -18.58
CA GLN A 17 -9.20 10.92 -18.95
C GLN A 17 -10.10 11.27 -17.18
C GLN A 17 -10.08 11.57 -17.89
N LYS A 18 -9.32 12.05 -16.44
N LYS A 18 -9.46 12.26 -16.93
CA LYS A 18 -9.69 12.47 -15.09
CA LYS A 18 -10.18 12.81 -15.80
C LYS A 18 -9.18 13.88 -14.86
C LYS A 18 -9.64 14.21 -15.52
N ASN A 19 -10.06 14.76 -14.37
CA ASN A 19 -9.62 16.06 -13.90
C ASN A 19 -8.86 15.90 -12.59
N ASP A 20 -8.13 16.96 -12.22
N ASP A 20 -8.15 16.97 -12.22
CA ASP A 20 -7.27 16.92 -11.05
CA ASP A 20 -7.56 17.13 -10.90
C ASP A 20 -7.40 18.23 -10.29
C ASP A 20 -8.04 18.45 -10.34
N ARG A 21 -6.99 18.18 -9.02
N ARG A 21 -7.57 18.78 -9.14
CA ARG A 21 -7.04 19.39 -8.19
CA ARG A 21 -7.97 20.00 -8.44
C ARG A 21 -6.11 20.47 -8.75
C ARG A 21 -8.15 21.16 -9.40
N THR A 22 -5.04 20.07 -9.44
N THR A 22 -9.37 21.38 -9.90
CA THR A 22 -4.16 21.05 -10.08
CA THR A 22 -9.53 22.33 -10.99
C THR A 22 -4.87 21.77 -11.21
C THR A 22 -8.60 21.87 -12.10
N GLY A 23 -5.97 21.24 -11.72
N GLY A 23 -7.47 22.53 -12.25
CA GLY A 23 -6.65 21.85 -12.84
CA GLY A 23 -6.23 21.86 -12.61
C GLY A 23 -6.02 21.61 -14.19
C GLY A 23 -5.98 21.63 -14.09
N THR A 24 -5.26 20.54 -14.35
CA THR A 24 -4.59 20.25 -15.62
C THR A 24 -5.24 19.15 -16.45
N GLY A 25 -5.74 18.10 -15.83
CA GLY A 25 -6.30 16.99 -16.58
C GLY A 25 -5.30 15.85 -16.67
N THR A 26 -5.75 14.64 -16.34
CA THR A 26 -4.91 13.44 -16.35
C THR A 26 -5.52 12.33 -17.20
N LEU A 27 -4.68 11.35 -17.52
CA LEU A 27 -5.07 10.02 -17.96
C LEU A 27 -4.61 9.07 -16.85
N SER A 28 -5.51 8.21 -16.37
N SER A 28 -5.52 8.24 -16.33
CA SER A 28 -5.29 7.52 -15.11
CA SER A 28 -5.24 7.52 -15.09
C SER A 28 -5.73 6.06 -15.16
C SER A 28 -5.73 6.08 -15.12
N ILE A 29 -4.94 5.18 -14.53
CA ILE A 29 -5.36 3.84 -14.20
C ILE A 29 -5.30 3.73 -12.68
N PHE A 30 -5.89 2.67 -12.14
CA PHE A 30 -5.89 2.44 -10.71
C PHE A 30 -5.38 1.04 -10.42
N GLY A 31 -4.29 0.95 -9.68
CA GLY A 31 -3.74 -0.34 -9.38
C GLY A 31 -2.71 -0.80 -10.37
N HIS A 32 -1.45 -0.91 -9.94
CA HIS A 32 -0.38 -1.45 -10.76
C HIS A 32 0.71 -1.96 -9.82
N GLN A 33 1.53 -2.91 -10.28
CA GLN A 33 2.69 -3.35 -9.50
C GLN A 33 3.80 -3.79 -10.43
N MET A 34 5.05 -3.47 -10.06
CA MET A 34 6.22 -3.88 -10.83
C MET A 34 7.37 -4.11 -9.84
N ARG A 35 8.31 -4.94 -10.26
N ARG A 35 8.38 -4.84 -10.30
CA ARG A 35 9.46 -5.27 -9.43
CA ARG A 35 9.45 -5.33 -9.44
C ARG A 35 10.76 -4.87 -10.13
C ARG A 35 10.81 -5.07 -10.07
N PHE A 36 11.73 -4.47 -9.32
CA PHE A 36 13.11 -4.28 -9.76
C PHE A 36 14.01 -5.12 -8.89
N ASN A 37 14.70 -6.09 -9.50
CA ASN A 37 15.71 -6.86 -8.75
C ASN A 37 16.95 -5.99 -8.67
N LEU A 38 17.29 -5.52 -7.46
CA LEU A 38 18.38 -4.56 -7.36
C LEU A 38 19.75 -5.17 -7.63
N GLN A 39 19.87 -6.49 -7.63
CA GLN A 39 21.10 -7.12 -8.08
C GLN A 39 21.28 -7.06 -9.59
N ASP A 40 20.22 -6.74 -10.36
CA ASP A 40 20.41 -6.52 -11.79
C ASP A 40 21.03 -5.17 -12.12
N GLY A 41 20.97 -4.20 -11.22
CA GLY A 41 21.52 -2.88 -11.43
C GLY A 41 20.67 -1.86 -10.71
N PHE A 42 21.18 -0.66 -10.61
CA PHE A 42 20.50 0.40 -9.88
C PHE A 42 19.42 1.02 -10.77
N PRO A 43 18.14 1.01 -10.35
CA PRO A 43 17.02 1.37 -11.28
C PRO A 43 16.79 2.87 -11.46
N LEU A 44 17.77 3.49 -12.13
CA LEU A 44 17.72 4.89 -12.51
C LEU A 44 17.39 4.95 -13.99
N VAL A 45 16.27 5.56 -14.31
CA VAL A 45 15.78 5.64 -15.69
C VAL A 45 16.89 6.11 -16.64
N THR A 46 17.06 5.37 -17.75
CA THR A 46 18.05 5.70 -18.78
C THR A 46 17.45 6.31 -20.03
N THR A 47 16.14 6.21 -20.25
CA THR A 47 15.58 6.79 -21.47
C THR A 47 15.37 8.29 -21.40
N LYS A 48 15.64 8.92 -20.26
CA LYS A 48 15.91 10.37 -20.18
C LYS A 48 16.92 10.59 -19.05
N ARG A 49 17.74 11.64 -19.17
N ARG A 49 17.67 11.68 -19.13
CA ARG A 49 18.74 11.85 -18.11
CA ARG A 49 18.60 12.02 -18.05
C ARG A 49 18.04 12.25 -16.81
C ARG A 49 17.83 12.44 -16.79
N CYS A 50 18.25 11.47 -15.76
N CYS A 50 18.25 11.91 -15.64
CA CYS A 50 17.72 11.79 -14.44
CA CYS A 50 17.64 12.22 -14.35
C CYS A 50 18.89 12.11 -13.52
C CYS A 50 18.68 12.84 -13.43
N HIS A 51 18.83 13.22 -12.82
N HIS A 51 18.22 13.68 -12.49
CA HIS A 51 19.97 13.72 -12.06
CA HIS A 51 19.10 14.48 -11.63
C HIS A 51 19.92 13.20 -10.63
C HIS A 51 19.35 13.75 -10.32
N LEU A 52 20.91 12.39 -10.27
N LEU A 52 20.35 12.87 -10.32
CA LEU A 52 20.92 11.70 -8.99
CA LEU A 52 20.54 12.01 -9.15
C LEU A 52 21.30 12.60 -7.83
C LEU A 52 20.95 12.81 -7.92
N ARG A 53 21.81 13.82 -8.09
CA ARG A 53 22.24 14.64 -6.95
C ARG A 53 21.04 15.13 -6.11
N SER A 54 19.95 15.52 -6.77
CA SER A 54 18.75 15.95 -6.03
C SER A 54 18.11 14.76 -5.31
N ILE A 55 18.08 13.59 -5.95
CA ILE A 55 17.52 12.41 -5.31
C ILE A 55 18.27 12.11 -4.02
N ILE A 56 19.60 12.06 -4.10
CA ILE A 56 20.40 11.74 -2.91
C ILE A 56 20.14 12.76 -1.80
N HIS A 57 20.24 14.05 -2.12
CA HIS A 57 20.08 15.06 -1.09
C HIS A 57 18.69 15.03 -0.48
N GLU A 58 17.66 14.78 -1.29
CA GLU A 58 16.32 14.71 -0.74
C GLU A 58 16.21 13.56 0.26
N LEU A 59 16.80 12.40 -0.06
CA LEU A 59 16.69 11.26 0.85
C LEU A 59 17.46 11.51 2.14
N LEU A 60 18.64 12.14 2.06
CA LEU A 60 19.38 12.45 3.27
C LEU A 60 18.61 13.42 4.14
N TRP A 61 17.93 14.37 3.52
CA TRP A 61 17.05 15.31 4.20
C TRP A 61 15.88 14.62 4.91
N PHE A 62 15.17 13.73 4.20
CA PHE A 62 14.11 12.94 4.84
C PHE A 62 14.66 12.24 6.08
N LEU A 63 15.81 11.58 5.92
CA LEU A 63 16.35 10.74 7.00
C LEU A 63 16.76 11.58 8.22
N GLN A 64 17.09 12.86 8.02
CA GLN A 64 17.37 13.78 9.13
C GLN A 64 16.08 14.20 9.86
N GLY A 65 14.90 13.95 9.28
CA GLY A 65 13.66 14.45 9.87
C GLY A 65 13.33 15.89 9.53
N ASP A 66 13.98 16.46 8.51
CA ASP A 66 13.82 17.87 8.13
C ASP A 66 12.63 18.05 7.19
N THR A 67 11.93 19.18 7.37
CA THR A 67 10.79 19.53 6.50
C THR A 67 10.84 21.00 6.07
N ASN A 68 12.01 21.65 6.22
CA ASN A 68 12.27 23.00 5.70
C ASN A 68 13.29 22.91 4.56
N ILE A 69 13.10 23.72 3.51
CA ILE A 69 13.91 23.54 2.31
C ILE A 69 15.28 24.19 2.41
N ALA A 70 15.59 24.82 3.54
CA ALA A 70 16.90 25.48 3.68
C ALA A 70 18.05 24.51 3.37
N TYR A 71 18.04 23.30 3.94
CA TYR A 71 19.10 22.31 3.63
C TYR A 71 19.18 22.04 2.14
N LEU A 72 18.04 21.89 1.47
CA LEU A 72 18.05 21.62 0.03
C LEU A 72 18.67 22.78 -0.74
N HIS A 73 18.34 24.01 -0.33
CA HIS A 73 18.90 25.18 -1.01
C HIS A 73 20.40 25.30 -0.78
N GLU A 74 20.90 24.92 0.42
CA GLU A 74 22.34 24.93 0.64
C GLU A 74 23.07 23.98 -0.30
N ASN A 75 22.36 23.00 -0.86
CA ASN A 75 22.92 22.06 -1.82
C ASN A 75 22.31 22.22 -3.22
N ASN A 76 21.79 23.41 -3.51
CA ASN A 76 21.28 23.78 -4.83
C ASN A 76 20.26 22.78 -5.34
N VAL A 77 19.30 22.42 -4.47
CA VAL A 77 18.20 21.54 -4.83
C VAL A 77 16.90 22.31 -4.68
N THR A 78 16.12 22.41 -5.77
CA THR A 78 14.94 23.27 -5.82
C THR A 78 13.65 22.49 -5.99
N ILE A 79 13.68 21.17 -5.87
CA ILE A 79 12.52 20.37 -6.24
C ILE A 79 11.30 20.63 -5.35
N TRP A 80 11.47 21.19 -4.15
CA TRP A 80 10.35 21.47 -3.25
C TRP A 80 9.95 22.94 -3.17
N ASP A 81 10.62 23.81 -3.94
CA ASP A 81 10.37 25.25 -3.81
C ASP A 81 8.91 25.60 -3.96
N GLU A 82 8.20 24.92 -4.85
CA GLU A 82 6.88 25.40 -5.22
C GLU A 82 5.85 25.13 -4.13
N TRP A 83 6.14 24.25 -3.17
CA TRP A 83 5.18 23.95 -2.11
C TRP A 83 5.51 24.62 -0.79
N ALA A 84 6.72 25.18 -0.64
CA ALA A 84 7.12 25.72 0.65
C ALA A 84 6.48 27.08 0.92
N ASP A 85 6.22 27.35 2.21
CA ASP A 85 5.67 28.65 2.59
C ASP A 85 6.79 29.69 2.57
N GLU A 86 6.49 30.89 3.03
CA GLU A 86 7.43 32.01 2.96
C GLU A 86 8.66 31.81 3.82
N ASN A 87 8.61 30.96 4.84
CA ASN A 87 9.75 30.61 5.67
C ASN A 87 10.45 29.34 5.22
N GLY A 88 10.06 28.78 4.08
CA GLY A 88 10.63 27.54 3.59
C GLY A 88 10.04 26.28 4.17
N ASP A 89 8.95 26.38 4.96
CA ASP A 89 8.41 25.22 5.63
C ASP A 89 7.36 24.50 4.81
N LEU A 90 7.36 23.17 4.92
CA LEU A 90 6.38 22.31 4.27
C LEU A 90 5.36 21.70 5.22
N GLY A 91 5.47 21.95 6.52
CA GLY A 91 4.67 21.23 7.48
C GLY A 91 5.21 19.83 7.69
N PRO A 92 4.47 18.97 8.41
CA PRO A 92 5.03 17.69 8.87
C PRO A 92 4.91 16.56 7.83
N VAL A 93 5.58 16.77 6.70
CA VAL A 93 5.62 15.80 5.62
C VAL A 93 6.66 14.72 5.91
N TYR A 94 7.06 14.00 4.87
CA TYR A 94 7.77 12.74 5.01
C TYR A 94 8.79 12.69 6.13
N GLY A 95 9.79 13.56 6.12
CA GLY A 95 10.87 13.41 7.09
C GLY A 95 10.39 13.47 8.53
N LYS A 96 9.36 14.28 8.78
CA LYS A 96 8.87 14.42 10.14
C LYS A 96 8.12 13.16 10.55
N GLN A 97 7.32 12.58 9.62
CA GLN A 97 6.58 11.36 9.98
C GLN A 97 7.52 10.16 10.11
N TRP A 98 8.55 10.11 9.26
CA TRP A 98 9.52 9.01 9.34
C TRP A 98 10.24 8.99 10.69
N ARG A 99 10.62 10.17 11.18
CA ARG A 99 11.52 10.24 12.32
C ARG A 99 10.82 10.54 13.63
N ALA A 100 9.58 11.05 13.59
CA ALA A 100 8.93 11.52 14.80
C ALA A 100 7.42 11.61 14.62
N TRP A 101 6.81 10.50 14.25
CA TRP A 101 5.34 10.43 14.17
C TRP A 101 4.73 10.75 15.54
N PRO A 102 3.89 11.77 15.65
CA PRO A 102 3.32 12.14 16.96
C PRO A 102 2.13 11.28 17.34
N THR A 103 2.16 10.75 18.57
CA THR A 103 1.08 9.93 19.11
C THR A 103 0.07 10.82 19.82
N PRO A 104 -1.11 10.28 20.13
CA PRO A 104 -2.10 11.07 20.87
C PRO A 104 -1.71 11.33 22.31
N ASP A 105 -0.78 10.56 22.88
CA ASP A 105 -0.42 10.71 24.29
C ASP A 105 0.91 11.47 24.48
N GLY A 106 1.34 12.23 23.47
CA GLY A 106 2.51 13.09 23.59
C GLY A 106 3.86 12.48 23.25
N ARG A 107 3.90 11.23 22.79
N ARG A 107 3.90 11.23 22.79
CA ARG A 107 5.14 10.61 22.36
CA ARG A 107 5.14 10.59 22.35
C ARG A 107 5.39 10.93 20.87
C ARG A 107 5.36 10.85 20.86
N HIS A 108 6.55 10.50 20.38
CA HIS A 108 6.92 10.57 18.97
C HIS A 108 7.66 9.28 18.64
N ILE A 109 7.31 8.63 17.53
CA ILE A 109 7.91 7.34 17.18
C ILE A 109 8.85 7.52 15.97
N ASP A 110 10.11 7.12 16.17
CA ASP A 110 11.12 7.13 15.12
C ASP A 110 10.97 5.79 14.39
N GLN A 111 10.26 5.84 13.28
CA GLN A 111 9.98 4.62 12.54
C GLN A 111 11.20 4.09 11.82
N ILE A 112 12.16 4.95 11.45
CA ILE A 112 13.36 4.47 10.76
C ILE A 112 14.23 3.67 11.73
N THR A 113 14.44 4.21 12.92
CA THR A 113 15.19 3.43 13.91
C THR A 113 14.45 2.14 14.25
N THR A 114 13.13 2.20 14.35
CA THR A 114 12.35 0.98 14.62
C THR A 114 12.60 -0.10 13.57
N VAL A 115 12.50 0.27 12.28
N VAL A 115 12.55 0.26 12.28
CA VAL A 115 12.73 -0.70 11.22
CA VAL A 115 12.71 -0.78 11.27
C VAL A 115 14.14 -1.26 11.33
C VAL A 115 14.16 -1.21 11.13
N LEU A 116 15.11 -0.38 11.54
CA LEU A 116 16.49 -0.84 11.56
C LEU A 116 16.69 -1.89 12.65
N ASN A 117 16.10 -1.67 13.82
CA ASN A 117 16.22 -2.67 14.87
C ASN A 117 15.43 -3.92 14.60
N GLN A 118 14.28 -3.82 13.93
CA GLN A 118 13.58 -5.03 13.50
C GLN A 118 14.40 -5.81 12.48
N LEU A 119 15.05 -5.13 11.54
CA LEU A 119 15.76 -5.87 10.53
C LEU A 119 16.95 -6.58 11.13
N LYS A 120 17.56 -5.98 12.14
CA LYS A 120 18.72 -6.57 12.79
C LYS A 120 18.33 -7.68 13.78
N ASN A 121 17.19 -7.57 14.45
CA ASN A 121 16.86 -8.50 15.52
C ASN A 121 15.65 -9.37 15.27
N ASP A 122 14.74 -8.99 14.39
CA ASP A 122 13.52 -9.75 14.14
C ASP A 122 13.15 -9.67 12.66
N PRO A 123 14.07 -10.08 11.77
CA PRO A 123 13.83 -9.89 10.34
C PRO A 123 12.70 -10.71 9.78
N ASP A 124 12.21 -11.75 10.49
CA ASP A 124 11.04 -12.50 10.07
C ASP A 124 9.73 -11.78 10.38
N SER A 125 9.78 -10.70 11.14
CA SER A 125 8.56 -9.95 11.44
C SER A 125 7.81 -9.58 10.16
N ARG A 126 6.47 -9.66 10.21
CA ARG A 126 5.62 -9.27 9.10
C ARG A 126 5.08 -7.85 9.25
N ARG A 127 5.67 -7.06 10.15
CA ARG A 127 5.24 -5.67 10.27
C ARG A 127 6.44 -4.72 10.40
N ILE A 128 7.40 -4.86 9.49
CA ILE A 128 8.52 -3.91 9.37
C ILE A 128 8.07 -2.84 8.41
N ILE A 129 7.41 -1.79 8.94
N ILE A 129 7.41 -1.81 8.96
CA ILE A 129 6.62 -0.84 8.17
CA ILE A 129 6.65 -0.81 8.22
C ILE A 129 6.95 0.58 8.58
C ILE A 129 7.16 0.59 8.54
N VAL A 130 6.98 1.49 7.59
CA VAL A 130 7.07 2.93 7.80
C VAL A 130 5.87 3.54 7.09
N SER A 131 5.08 4.34 7.80
CA SER A 131 3.99 5.08 7.16
C SER A 131 4.18 6.59 7.31
N ALA A 132 3.99 7.31 6.22
CA ALA A 132 3.87 8.75 6.25
C ALA A 132 2.42 9.21 6.32
N TRP A 133 1.45 8.30 6.27
CA TRP A 133 0.02 8.66 6.17
C TRP A 133 -0.55 8.87 7.57
N ASN A 134 -0.19 10.02 8.15
CA ASN A 134 -0.68 10.39 9.47
C ASN A 134 -1.96 11.20 9.26
N VAL A 135 -3.09 10.52 9.36
CA VAL A 135 -4.40 11.08 9.04
C VAL A 135 -4.64 12.37 9.81
N GLY A 136 -4.25 12.40 11.08
CA GLY A 136 -4.48 13.52 11.95
C GLY A 136 -3.59 14.72 11.70
N GLU A 137 -2.58 14.61 10.85
CA GLU A 137 -1.75 15.74 10.48
C GLU A 137 -1.78 16.11 9.01
N LEU A 138 -2.57 15.40 8.19
CA LEU A 138 -2.58 15.72 6.75
C LEU A 138 -2.88 17.19 6.50
N ASP A 139 -3.75 17.80 7.32
CA ASP A 139 -4.19 19.17 7.08
C ASP A 139 -3.10 20.20 7.35
N LYS A 140 -2.00 19.81 8.00
CA LYS A 140 -0.87 20.70 8.27
C LYS A 140 0.22 20.63 7.21
N MET A 141 0.13 19.64 6.33
CA MET A 141 1.12 19.37 5.31
C MET A 141 0.87 20.21 4.07
N ALA A 142 1.96 20.64 3.42
CA ALA A 142 1.84 21.37 2.16
C ALA A 142 1.28 20.47 1.06
N LEU A 143 1.55 19.18 1.15
N LEU A 143 1.61 19.20 1.10
CA LEU A 143 1.10 18.17 0.19
CA LEU A 143 1.06 18.19 0.22
C LEU A 143 0.90 16.88 0.97
C LEU A 143 0.83 16.94 1.06
N ALA A 144 -0.25 16.23 0.80
CA ALA A 144 -0.43 14.90 1.39
C ALA A 144 0.58 13.91 0.78
N PRO A 145 1.12 12.97 1.57
CA PRO A 145 2.17 12.09 1.05
C PRO A 145 1.71 11.32 -0.20
N CYS A 146 2.54 11.37 -1.25
CA CYS A 146 2.33 10.51 -2.40
C CYS A 146 2.92 9.11 -2.18
N HIS A 147 4.20 9.00 -1.85
CA HIS A 147 4.82 7.73 -1.48
C HIS A 147 4.50 7.55 0.01
N ALA A 148 3.41 6.83 0.29
CA ALA A 148 2.71 6.99 1.55
C ALA A 148 3.05 5.95 2.62
N PHE A 149 3.53 4.78 2.24
CA PHE A 149 3.55 3.62 3.14
C PHE A 149 4.55 2.65 2.54
N PHE A 150 5.47 2.12 3.35
CA PHE A 150 6.36 1.11 2.79
C PHE A 150 6.72 0.05 3.82
N GLN A 151 7.08 -1.13 3.31
CA GLN A 151 7.31 -2.33 4.08
C GLN A 151 8.57 -3.04 3.64
N PHE A 152 9.35 -3.51 4.59
CA PHE A 152 10.55 -4.29 4.30
C PHE A 152 10.30 -5.79 4.56
N TYR A 153 11.18 -6.61 3.97
CA TYR A 153 11.08 -8.07 4.02
C TYR A 153 12.47 -8.66 3.84
N VAL A 154 12.76 -9.75 4.54
CA VAL A 154 14.07 -10.38 4.44
C VAL A 154 13.91 -11.85 4.11
N ALA A 155 14.68 -12.33 3.12
CA ALA A 155 14.69 -13.75 2.79
C ALA A 155 16.00 -14.07 2.09
N ASP A 156 16.61 -15.20 2.45
CA ASP A 156 17.83 -15.66 1.80
C ASP A 156 18.95 -14.60 1.89
N GLY A 157 19.02 -13.92 3.02
CA GLY A 157 20.03 -12.89 3.23
C GLY A 157 19.85 -11.61 2.43
N LYS A 158 18.71 -11.42 1.77
CA LYS A 158 18.47 -10.26 0.95
C LYS A 158 17.33 -9.42 1.53
N LEU A 159 17.51 -8.10 1.45
CA LEU A 159 16.54 -7.12 1.91
C LEU A 159 15.71 -6.66 0.72
N SER A 160 14.39 -6.77 0.82
CA SER A 160 13.44 -6.24 -0.16
C SER A 160 12.58 -5.15 0.47
N CYS A 161 11.92 -4.35 -0.37
CA CYS A 161 11.05 -3.29 0.11
C CYS A 161 9.91 -3.07 -0.86
N GLN A 162 8.70 -2.86 -0.34
CA GLN A 162 7.53 -2.58 -1.18
C GLN A 162 7.00 -1.20 -0.79
N LEU A 163 6.79 -0.34 -1.78
CA LEU A 163 6.24 0.99 -1.59
C LEU A 163 4.80 1.01 -2.13
N TYR A 164 3.88 1.56 -1.35
CA TYR A 164 2.54 1.90 -1.87
C TYR A 164 2.52 3.40 -2.17
N GLN A 165 2.41 3.75 -3.45
CA GLN A 165 2.32 5.14 -3.89
C GLN A 165 0.87 5.46 -4.27
N ARG A 166 0.17 6.22 -3.43
CA ARG A 166 -1.27 6.45 -3.63
C ARG A 166 -1.57 7.34 -4.82
N SER A 167 -0.62 8.17 -5.23
CA SER A 167 -0.82 9.04 -6.38
C SER A 167 0.55 9.17 -7.02
N CYS A 168 0.57 9.08 -8.34
CA CYS A 168 1.86 9.05 -9.05
C CYS A 168 1.74 9.74 -10.40
N ASP A 169 2.48 10.83 -10.52
CA ASP A 169 2.81 11.46 -11.78
C ASP A 169 3.88 10.58 -12.44
N VAL A 170 3.47 9.77 -13.41
CA VAL A 170 4.39 8.75 -13.95
C VAL A 170 5.58 9.40 -14.68
N PHE A 171 5.35 10.48 -15.42
CA PHE A 171 6.45 11.08 -16.18
C PHE A 171 7.46 11.78 -15.25
N LEU A 172 6.97 12.68 -14.37
CA LEU A 172 7.89 13.54 -13.63
C LEU A 172 8.32 12.94 -12.29
N GLY A 173 7.40 12.38 -11.52
CA GLY A 173 7.71 11.95 -10.18
C GLY A 173 8.28 10.56 -10.04
N LEU A 174 7.75 9.62 -10.82
CA LEU A 174 8.08 8.23 -10.57
C LEU A 174 9.56 7.88 -10.75
N PRO A 175 10.28 8.41 -11.74
CA PRO A 175 11.71 8.04 -11.84
C PRO A 175 12.46 8.38 -10.58
N PHE A 176 12.16 9.58 -10.02
CA PHE A 176 12.79 10.03 -8.79
C PHE A 176 12.46 9.10 -7.65
N ASN A 177 11.18 8.72 -7.54
CA ASN A 177 10.74 7.90 -6.41
C ASN A 177 11.35 6.51 -6.45
N ILE A 178 11.41 5.89 -7.64
CA ILE A 178 12.03 4.57 -7.72
C ILE A 178 13.47 4.64 -7.24
N ALA A 179 14.26 5.59 -7.77
CA ALA A 179 15.67 5.67 -7.41
C ALA A 179 15.86 5.96 -5.92
N SER A 180 14.97 6.78 -5.36
CA SER A 180 15.05 7.14 -3.93
C SER A 180 14.93 5.92 -3.03
N TYR A 181 13.88 5.10 -3.24
CA TYR A 181 13.69 3.93 -2.40
C TYR A 181 14.75 2.87 -2.67
N ALA A 182 15.19 2.74 -3.93
CA ALA A 182 16.29 1.82 -4.20
C ALA A 182 17.53 2.20 -3.43
N LEU A 183 17.84 3.50 -3.38
N LEU A 183 17.86 3.50 -3.41
CA LEU A 183 18.97 3.97 -2.59
CA LEU A 183 18.97 3.97 -2.59
C LEU A 183 18.80 3.64 -1.11
C LEU A 183 18.78 3.59 -1.13
N LEU A 184 17.59 3.86 -0.59
CA LEU A 184 17.33 3.55 0.81
C LEU A 184 17.50 2.07 1.10
N VAL A 185 17.08 1.19 0.17
CA VAL A 185 17.29 -0.24 0.38
C VAL A 185 18.78 -0.56 0.49
N HIS A 186 19.60 0.02 -0.40
CA HIS A 186 21.03 -0.25 -0.32
C HIS A 186 21.61 0.20 1.02
N MET A 187 21.21 1.39 1.50
CA MET A 187 21.75 1.90 2.75
C MET A 187 21.32 1.04 3.92
N MET A 188 20.06 0.62 3.94
N MET A 188 20.04 0.68 3.95
CA MET A 188 19.61 -0.20 5.07
CA MET A 188 19.55 -0.19 5.02
C MET A 188 20.19 -1.60 5.01
C MET A 188 20.30 -1.52 4.99
N ALA A 189 20.41 -2.12 3.81
CA ALA A 189 21.05 -3.43 3.70
C ALA A 189 22.48 -3.33 4.19
N GLN A 190 23.16 -2.22 3.91
CA GLN A 190 24.53 -2.07 4.39
C GLN A 190 24.57 -2.02 5.92
N GLN A 191 23.62 -1.29 6.53
CA GLN A 191 23.62 -1.14 7.97
C GLN A 191 23.29 -2.46 8.69
N CYS A 192 22.55 -3.36 8.03
CA CYS A 192 22.13 -4.62 8.63
C CYS A 192 22.88 -5.83 8.11
N ASP A 193 23.94 -5.62 7.35
CA ASP A 193 24.76 -6.70 6.78
C ASP A 193 23.96 -7.65 5.89
N LEU A 194 23.06 -7.12 5.09
CA LEU A 194 22.26 -7.90 4.14
C LEU A 194 22.68 -7.52 2.73
N GLU A 195 22.34 -8.38 1.77
CA GLU A 195 22.45 -8.10 0.34
C GLU A 195 21.15 -7.45 -0.12
N VAL A 196 21.16 -6.83 -1.32
CA VAL A 196 19.95 -6.18 -1.80
C VAL A 196 19.07 -7.20 -2.48
N GLY A 197 17.75 -7.06 -2.28
CA GLY A 197 16.76 -7.88 -2.91
C GLY A 197 15.97 -7.17 -3.99
N ASP A 198 14.65 -7.20 -3.89
CA ASP A 198 13.79 -6.49 -4.83
C ASP A 198 13.23 -5.20 -4.24
N PHE A 199 13.05 -4.20 -5.09
CA PHE A 199 12.15 -3.07 -4.82
C PHE A 199 10.86 -3.31 -5.57
N VAL A 200 9.76 -3.42 -4.84
CA VAL A 200 8.44 -3.66 -5.41
C VAL A 200 7.68 -2.35 -5.37
N TRP A 201 7.25 -1.88 -6.53
CA TRP A 201 6.49 -0.62 -6.59
C TRP A 201 5.01 -0.92 -6.83
N THR A 202 4.13 -0.38 -5.98
CA THR A 202 2.69 -0.52 -6.16
C THR A 202 2.02 0.86 -6.22
N GLY A 203 1.10 1.04 -7.17
CA GLY A 203 0.50 2.33 -7.41
C GLY A 203 -1.00 2.31 -7.14
N GLY A 204 -1.50 3.42 -6.60
CA GLY A 204 -2.92 3.68 -6.59
C GLY A 204 -3.34 4.41 -7.84
N ASP A 205 -3.69 5.68 -7.71
CA ASP A 205 -4.05 6.53 -8.84
C ASP A 205 -2.78 6.87 -9.61
N THR A 206 -2.55 6.16 -10.73
CA THR A 206 -1.31 6.20 -11.51
C THR A 206 -1.63 6.85 -12.83
N HIS A 207 -1.03 8.02 -13.09
CA HIS A 207 -1.52 8.90 -14.12
C HIS A 207 -0.40 9.64 -14.86
N LEU A 208 -0.75 10.05 -16.07
CA LEU A 208 0.04 10.95 -16.90
C LEU A 208 -0.76 12.25 -17.09
N TYR A 209 -0.14 13.38 -16.81
CA TYR A 209 -0.79 14.65 -17.09
C TYR A 209 -0.90 14.86 -18.59
N SER A 210 -1.98 15.54 -18.97
CA SER A 210 -2.32 15.76 -20.37
C SER A 210 -1.26 16.58 -21.11
N ASN A 211 -0.55 17.46 -20.39
CA ASN A 211 0.52 18.27 -20.95
C ASN A 211 1.86 17.56 -20.90
N HIS A 212 1.88 16.27 -20.66
CA HIS A 212 3.11 15.49 -20.69
C HIS A 212 3.12 14.44 -21.80
N MET A 213 2.11 14.46 -22.68
CA MET A 213 1.95 13.34 -23.60
C MET A 213 2.98 13.33 -24.71
N ASP A 214 3.35 14.49 -25.27
CA ASP A 214 4.38 14.47 -26.31
C ASP A 214 5.72 14.04 -25.72
N GLN A 215 6.03 14.50 -24.51
CA GLN A 215 7.25 14.06 -23.83
C GLN A 215 7.22 12.56 -23.54
N THR A 216 6.07 12.04 -23.11
CA THR A 216 5.94 10.61 -22.82
C THR A 216 6.17 9.77 -24.08
N HIS A 217 5.58 10.15 -25.22
CA HIS A 217 5.77 9.36 -26.43
C HIS A 217 7.19 9.49 -26.98
N LEU A 218 7.83 10.64 -26.80
N LEU A 218 7.84 10.65 -26.80
CA LEU A 218 9.24 10.77 -27.17
CA LEU A 218 9.24 10.76 -27.19
C LEU A 218 10.10 9.76 -26.41
C LEU A 218 10.09 9.76 -26.41
N GLN A 219 9.89 9.68 -25.10
CA GLN A 219 10.65 8.75 -24.27
C GLN A 219 10.40 7.31 -24.67
N LEU A 220 9.13 7.00 -24.93
CA LEU A 220 8.75 5.67 -25.33
C LEU A 220 9.37 5.24 -26.63
N SER A 221 9.79 6.17 -27.49
CA SER A 221 10.45 5.83 -28.74
C SER A 221 11.89 5.32 -28.55
N ARG A 222 12.41 5.36 -27.34
CA ARG A 222 13.83 5.16 -27.05
C ARG A 222 14.04 3.78 -26.45
N GLU A 223 15.22 3.21 -26.69
N GLU A 223 15.23 3.21 -26.70
CA GLU A 223 15.56 1.90 -26.15
CA GLU A 223 15.55 1.89 -26.15
C GLU A 223 16.29 2.06 -24.82
C GLU A 223 16.29 2.06 -24.82
N PRO A 224 15.83 1.39 -23.77
CA PRO A 224 16.54 1.43 -22.49
C PRO A 224 17.99 1.01 -22.67
N ARG A 225 18.85 1.57 -21.85
CA ARG A 225 20.26 1.25 -21.85
C ARG A 225 20.55 0.36 -20.64
N PRO A 226 21.72 -0.26 -20.57
CA PRO A 226 22.04 -1.06 -19.37
C PRO A 226 21.94 -0.22 -18.11
N LEU A 227 21.42 -0.81 -17.05
CA LEU A 227 21.29 -0.08 -15.80
C LEU A 227 22.64 0.30 -15.20
N PRO A 228 22.72 1.48 -14.54
CA PRO A 228 23.98 1.86 -13.86
C PRO A 228 24.19 1.02 -12.63
N LYS A 229 25.31 1.24 -11.93
CA LYS A 229 25.66 0.47 -10.73
C LYS A 229 25.91 1.44 -9.57
N LEU A 230 25.42 1.07 -8.39
CA LEU A 230 25.62 1.91 -7.22
C LEU A 230 26.76 1.38 -6.35
N ILE A 231 27.72 2.25 -6.05
CA ILE A 231 28.88 1.93 -5.22
C ILE A 231 28.85 2.84 -3.99
N ILE A 232 28.83 2.24 -2.81
CA ILE A 232 28.92 2.96 -1.55
C ILE A 232 30.34 2.81 -1.02
N LYS A 233 30.96 3.91 -0.64
CA LYS A 233 32.40 3.97 -0.43
C LYS A 233 32.82 3.98 1.04
N ARG A 234 31.88 3.83 1.96
CA ARG A 234 32.11 3.93 3.39
C ARG A 234 30.95 3.18 4.07
N LYS A 235 31.20 2.65 5.27
CA LYS A 235 30.15 2.10 6.10
C LYS A 235 29.98 3.02 7.30
N PRO A 236 29.05 3.98 7.28
CA PRO A 236 28.88 4.88 8.44
C PRO A 236 28.36 4.12 9.64
N GLU A 237 28.56 4.70 10.82
CA GLU A 237 28.14 4.02 12.03
C GLU A 237 26.62 3.95 12.21
N SER A 238 25.84 4.69 11.45
N SER A 238 25.84 4.65 11.40
CA SER A 238 24.38 4.66 11.56
CA SER A 238 24.40 4.74 11.56
C SER A 238 23.77 5.06 10.23
C SER A 238 23.76 5.08 10.23
N ILE A 239 22.49 4.69 10.06
CA ILE A 239 21.76 5.03 8.84
C ILE A 239 21.61 6.53 8.68
N PHE A 240 21.82 7.31 9.74
CA PHE A 240 21.66 8.75 9.68
C PHE A 240 22.97 9.49 9.44
N ASP A 241 24.08 8.78 9.20
CA ASP A 241 25.38 9.43 9.10
C ASP A 241 25.97 9.37 7.68
N TYR A 242 25.16 9.08 6.67
CA TYR A 242 25.66 9.06 5.29
C TYR A 242 25.87 10.48 4.80
N ARG A 243 26.77 10.63 3.83
CA ARG A 243 27.01 11.90 3.18
C ARG A 243 26.87 11.74 1.68
N PHE A 244 26.56 12.83 1.00
CA PHE A 244 26.41 12.80 -0.45
C PHE A 244 27.60 12.13 -1.15
N GLU A 245 28.81 12.47 -0.71
CA GLU A 245 30.03 11.94 -1.32
C GLU A 245 30.30 10.45 -1.08
N ASP A 246 29.53 9.80 -0.20
CA ASP A 246 29.74 8.36 -0.01
C ASP A 246 29.19 7.52 -1.19
N PHE A 247 28.45 8.13 -2.11
CA PHE A 247 27.76 7.42 -3.18
C PHE A 247 28.38 7.75 -4.53
N GLU A 248 28.53 6.72 -5.36
CA GLU A 248 28.98 6.88 -6.74
C GLU A 248 28.10 6.00 -7.64
N ILE A 249 27.59 6.59 -8.71
N ILE A 249 27.56 6.60 -8.69
CA ILE A 249 26.84 5.87 -9.73
CA ILE A 249 26.85 5.87 -9.74
C ILE A 249 27.78 5.63 -10.91
C ILE A 249 27.81 5.63 -10.88
N GLU A 250 27.94 4.37 -11.30
CA GLU A 250 28.87 4.00 -12.36
C GLU A 250 28.08 3.55 -13.59
N GLY A 251 28.55 3.94 -14.76
CA GLY A 251 27.97 3.44 -16.00
C GLY A 251 26.64 4.01 -16.37
N TYR A 252 26.32 5.23 -15.94
CA TYR A 252 25.04 5.85 -16.27
C TYR A 252 25.21 6.56 -17.60
N ASP A 253 24.55 6.05 -18.65
CA ASP A 253 24.72 6.55 -20.01
C ASP A 253 23.36 6.90 -20.60
N PRO A 254 22.65 7.86 -20.02
CA PRO A 254 21.24 8.04 -20.41
C PRO A 254 21.10 8.71 -21.75
N HIS A 255 19.93 8.51 -22.36
CA HIS A 255 19.47 9.35 -23.45
C HIS A 255 19.28 10.78 -22.92
N PRO A 256 19.07 11.76 -23.80
CA PRO A 256 19.01 13.16 -23.35
C PRO A 256 17.81 13.45 -22.45
N GLY A 257 17.99 14.42 -21.56
CA GLY A 257 16.88 14.93 -20.79
C GLY A 257 15.69 15.34 -21.66
N ILE A 258 14.52 15.26 -21.03
CA ILE A 258 13.27 15.73 -21.61
C ILE A 258 12.59 16.66 -20.61
N LYS A 259 12.40 17.92 -20.99
CA LYS A 259 11.81 18.91 -20.09
C LYS A 259 10.29 18.81 -20.14
N ALA A 260 9.64 18.91 -18.97
CA ALA A 260 8.18 18.88 -18.95
C ALA A 260 7.64 19.80 -17.85
N PRO A 261 6.48 20.41 -18.06
CA PRO A 261 5.95 21.35 -17.04
C PRO A 261 5.40 20.66 -15.82
N VAL A 262 5.79 21.15 -14.63
CA VAL A 262 5.23 20.67 -13.37
C VAL A 262 3.75 21.06 -13.29
N ALA A 263 2.98 20.24 -12.56
CA ALA A 263 1.57 20.50 -12.25
C ALA A 263 1.49 20.66 -10.72
N ILE A 264 1.50 21.90 -10.25
CA ILE A 264 1.56 22.18 -8.81
C ILE A 264 0.25 21.71 -8.17
N LYS B 2 -9.87 -18.35 -9.76
CA LYS B 2 -8.63 -18.54 -10.54
C LYS B 2 -7.42 -17.82 -10.03
N GLN B 3 -7.57 -16.53 -9.77
CA GLN B 3 -6.42 -15.76 -9.31
C GLN B 3 -5.96 -16.20 -7.93
N TYR B 4 -6.91 -16.60 -7.08
CA TYR B 4 -6.59 -17.08 -5.74
C TYR B 4 -5.84 -18.40 -5.82
N LEU B 5 -6.29 -19.33 -6.66
CA LEU B 5 -5.61 -20.62 -6.77
C LEU B 5 -4.23 -20.47 -7.42
N GLU B 6 -4.06 -19.51 -8.33
CA GLU B 6 -2.73 -19.22 -8.88
C GLU B 6 -1.78 -18.68 -7.81
N LEU B 7 -2.29 -17.81 -6.93
CA LEU B 7 -1.47 -17.34 -5.82
C LEU B 7 -1.08 -18.49 -4.89
N MET B 8 -2.05 -19.31 -4.48
CA MET B 8 -1.71 -20.47 -3.64
C MET B 8 -0.63 -21.32 -4.29
N GLN B 9 -0.76 -21.59 -5.59
CA GLN B 9 0.25 -22.41 -6.26
C GLN B 9 1.61 -21.69 -6.30
N LYS B 10 1.60 -20.38 -6.48
CA LYS B 10 2.85 -19.62 -6.48
C LYS B 10 3.57 -19.70 -5.14
N VAL B 11 2.85 -19.61 -4.03
CA VAL B 11 3.52 -19.69 -2.74
C VAL B 11 4.18 -21.06 -2.57
N LEU B 12 3.45 -22.12 -2.90
N LEU B 12 3.47 -22.11 -2.98
CA LEU B 12 4.00 -23.46 -2.84
CA LEU B 12 3.96 -23.47 -2.86
C LEU B 12 5.27 -23.59 -3.66
C LEU B 12 5.14 -23.76 -3.77
N ASP B 13 5.26 -23.06 -4.89
CA ASP B 13 6.37 -23.26 -5.81
C ASP B 13 7.56 -22.35 -5.50
N GLU B 14 7.30 -21.11 -5.10
CA GLU B 14 8.33 -20.09 -4.96
C GLU B 14 8.53 -19.62 -3.53
N GLY B 15 7.65 -19.97 -2.60
CA GLY B 15 7.78 -19.45 -1.25
C GLY B 15 9.10 -19.86 -0.61
N THR B 16 9.60 -18.99 0.26
CA THR B 16 10.75 -19.29 1.10
C THR B 16 10.27 -19.80 2.45
N GLN B 17 10.98 -20.78 3.02
N GLN B 17 10.95 -20.83 2.97
CA GLN B 17 10.65 -21.34 4.33
CA GLN B 17 10.69 -21.30 4.32
C GLN B 17 11.13 -20.40 5.43
C GLN B 17 11.09 -20.22 5.32
N LYS B 18 10.20 -19.91 6.26
CA LYS B 18 10.50 -18.94 7.29
C LYS B 18 9.97 -19.41 8.63
N ASN B 19 10.75 -19.17 9.68
CA ASN B 19 10.27 -19.22 11.04
C ASN B 19 9.46 -17.96 11.27
N ASP B 20 8.37 -18.09 11.98
CA ASP B 20 7.51 -16.96 12.23
C ASP B 20 7.22 -16.89 13.71
N ARG B 21 6.55 -15.80 14.08
CA ARG B 21 6.23 -15.47 15.46
C ARG B 21 5.57 -16.61 16.20
N THR B 22 4.79 -17.44 15.52
CA THR B 22 4.03 -18.48 16.19
C THR B 22 4.83 -19.75 16.39
N GLY B 23 6.01 -19.87 15.80
CA GLY B 23 6.75 -21.11 15.84
C GLY B 23 6.24 -22.18 14.92
N THR B 24 5.24 -21.85 14.07
CA THR B 24 4.62 -22.82 13.17
C THR B 24 5.45 -23.03 11.92
N GLY B 25 6.01 -21.96 11.36
CA GLY B 25 6.68 -22.04 10.09
C GLY B 25 5.76 -21.68 8.94
N THR B 26 6.28 -20.98 7.94
CA THR B 26 5.51 -20.62 6.76
C THR B 26 6.34 -20.85 5.50
N LEU B 27 5.66 -20.89 4.36
CA LEU B 27 6.22 -20.59 3.06
C LEU B 27 5.73 -19.23 2.68
N SER B 28 6.64 -18.34 2.26
N SER B 28 6.64 -18.31 2.31
CA SER B 28 6.31 -16.94 2.04
CA SER B 28 6.22 -16.94 2.02
C SER B 28 6.86 -16.38 0.73
C SER B 28 6.86 -16.36 0.77
N ILE B 29 6.09 -15.49 0.10
CA ILE B 29 6.55 -14.63 -0.97
C ILE B 29 6.28 -13.20 -0.50
N PHE B 30 6.85 -12.22 -1.21
CA PHE B 30 6.73 -10.82 -0.83
C PHE B 30 6.31 -10.03 -2.07
N GLY B 31 5.14 -9.41 -2.01
CA GLY B 31 4.64 -8.65 -3.13
C GLY B 31 3.86 -9.44 -4.16
N HIS B 32 2.54 -9.24 -4.16
CA HIS B 32 1.63 -9.85 -5.11
C HIS B 32 0.47 -8.90 -5.31
N GLN B 33 -0.22 -9.02 -6.45
CA GLN B 33 -1.41 -8.21 -6.71
C GLN B 33 -2.39 -9.03 -7.53
N MET B 34 -3.69 -8.88 -7.22
CA MET B 34 -4.78 -9.51 -7.92
C MET B 34 -5.86 -8.46 -8.16
N ARG B 35 -6.66 -8.63 -9.22
CA ARG B 35 -7.72 -7.66 -9.53
C ARG B 35 -9.01 -8.42 -9.79
N PHE B 36 -10.09 -8.00 -9.12
CA PHE B 36 -11.40 -8.63 -9.29
C PHE B 36 -12.37 -7.58 -9.83
N ASN B 37 -12.83 -7.77 -11.06
CA ASN B 37 -13.87 -6.96 -11.63
C ASN B 37 -15.21 -7.34 -10.98
N LEU B 38 -15.73 -6.46 -10.13
CA LEU B 38 -16.93 -6.80 -9.38
C LEU B 38 -18.17 -6.92 -10.25
N GLN B 39 -18.12 -6.50 -11.51
CA GLN B 39 -19.22 -6.78 -12.41
C GLN B 39 -19.15 -8.19 -13.01
N ASP B 40 -18.02 -8.90 -12.89
CA ASP B 40 -18.00 -10.32 -13.26
C ASP B 40 -18.65 -11.23 -12.22
N GLY B 41 -18.91 -10.72 -11.02
CA GLY B 41 -19.45 -11.51 -9.94
C GLY B 41 -18.82 -11.17 -8.61
N PHE B 42 -19.46 -11.61 -7.51
CA PHE B 42 -18.95 -11.32 -6.18
C PHE B 42 -17.84 -12.30 -5.85
N PRO B 43 -16.64 -11.82 -5.44
CA PRO B 43 -15.44 -12.69 -5.33
C PRO B 43 -15.37 -13.44 -4.01
N LEU B 44 -16.27 -14.40 -3.88
CA LEU B 44 -16.33 -15.33 -2.75
C LEU B 44 -15.80 -16.67 -3.24
N VAL B 45 -14.69 -17.11 -2.65
CA VAL B 45 -14.06 -18.36 -3.06
C VAL B 45 -15.09 -19.48 -3.18
N THR B 46 -15.03 -20.21 -4.30
CA THR B 46 -15.91 -21.35 -4.49
C THR B 46 -15.20 -22.69 -4.29
N THR B 47 -13.86 -22.72 -4.21
CA THR B 47 -13.21 -24.03 -4.05
C THR B 47 -13.21 -24.51 -2.61
N LYS B 48 -13.79 -23.73 -1.69
CA LYS B 48 -14.17 -24.20 -0.37
C LYS B 48 -15.30 -23.28 0.10
N ARG B 49 -16.22 -23.83 0.87
N ARG B 49 -16.24 -23.83 0.86
CA ARG B 49 -17.35 -23.06 1.38
CA ARG B 49 -17.35 -23.02 1.33
C ARG B 49 -16.85 -22.02 2.40
C ARG B 49 -16.87 -22.02 2.37
N CYS B 50 -17.11 -20.75 2.12
CA CYS B 50 -16.78 -19.66 3.04
C CYS B 50 -18.05 -19.21 3.73
N HIS B 51 -18.00 -18.92 5.01
N HIS B 51 -17.92 -18.86 5.01
CA HIS B 51 -19.23 -18.63 5.72
CA HIS B 51 -19.00 -18.49 5.91
C HIS B 51 -19.35 -17.12 5.86
C HIS B 51 -19.24 -16.99 5.80
N LEU B 52 -20.24 -16.58 5.02
CA LEU B 52 -20.48 -15.16 4.92
C LEU B 52 -21.05 -14.55 6.19
N ARG B 53 -21.67 -15.35 7.07
N ARG B 53 -21.66 -15.34 7.08
CA ARG B 53 -22.23 -14.80 8.30
CA ARG B 53 -22.22 -14.78 8.30
C ARG B 53 -21.17 -14.01 9.07
C ARG B 53 -21.17 -14.00 9.07
N SER B 54 -19.97 -14.58 9.21
CA SER B 54 -18.95 -13.97 10.03
C SER B 54 -18.39 -12.74 9.34
N ILE B 55 -18.24 -12.80 8.01
CA ILE B 55 -17.71 -11.68 7.24
C ILE B 55 -18.61 -10.44 7.39
N ILE B 56 -19.91 -10.63 7.17
CA ILE B 56 -20.84 -9.51 7.22
C ILE B 56 -20.86 -8.88 8.61
N HIS B 57 -21.01 -9.69 9.66
CA HIS B 57 -21.08 -9.11 11.00
C HIS B 57 -19.78 -8.38 11.37
N GLU B 58 -18.64 -8.90 10.94
CA GLU B 58 -17.39 -8.26 11.27
C GLU B 58 -17.27 -6.91 10.56
N LEU B 59 -17.74 -6.82 9.31
CA LEU B 59 -17.71 -5.53 8.63
C LEU B 59 -18.69 -4.54 9.27
N LEU B 60 -19.88 -4.98 9.63
CA LEU B 60 -20.82 -4.08 10.29
C LEU B 60 -20.26 -3.60 11.62
N TRP B 61 -19.52 -4.47 12.31
CA TRP B 61 -18.87 -4.13 13.57
C TRP B 61 -17.79 -3.06 13.39
N PHE B 62 -16.91 -3.24 12.40
CA PHE B 62 -15.97 -2.19 12.01
C PHE B 62 -16.68 -0.85 11.79
N LEU B 63 -17.73 -0.85 10.98
CA LEU B 63 -18.40 0.40 10.60
C LEU B 63 -19.03 1.08 11.81
N GLN B 64 -19.37 0.35 12.86
N GLN B 64 -19.37 0.32 12.86
CA GLN B 64 -19.90 0.99 14.06
CA GLN B 64 -19.89 0.90 14.09
C GLN B 64 -18.80 1.47 14.98
C GLN B 64 -18.80 1.62 14.88
N GLY B 65 -17.53 1.35 14.58
CA GLY B 65 -16.44 1.90 15.37
C GLY B 65 -16.13 1.10 16.61
N ASP B 66 -16.62 -0.12 16.69
CA ASP B 66 -16.64 -0.97 17.86
C ASP B 66 -15.40 -1.82 17.86
N THR B 67 -14.75 -1.93 19.03
CA THR B 67 -13.59 -2.81 19.14
C THR B 67 -13.73 -3.80 20.29
N ASN B 68 -14.95 -4.00 20.78
CA ASN B 68 -15.25 -5.01 21.78
C ASN B 68 -16.06 -6.12 21.13
N ILE B 69 -15.71 -7.37 21.45
CA ILE B 69 -16.27 -8.48 20.69
C ILE B 69 -17.68 -8.85 21.13
N ALA B 70 -18.25 -8.15 22.10
CA ALA B 70 -19.60 -8.48 22.55
C ALA B 70 -20.58 -8.53 21.38
N TYR B 71 -20.61 -7.49 20.56
CA TYR B 71 -21.51 -7.48 19.40
C TYR B 71 -21.32 -8.76 18.57
N LEU B 72 -20.07 -9.18 18.38
CA LEU B 72 -19.82 -10.39 17.60
C LEU B 72 -20.44 -11.61 18.31
N HIS B 73 -20.29 -11.70 19.62
CA HIS B 73 -20.83 -12.85 20.32
C HIS B 73 -22.35 -12.90 20.21
N GLU B 74 -23.00 -11.76 20.46
CA GLU B 74 -24.45 -11.66 20.27
C GLU B 74 -24.91 -12.20 18.93
N ASN B 75 -24.01 -12.33 17.96
CA ASN B 75 -24.34 -12.88 16.65
C ASN B 75 -23.58 -14.16 16.35
N ASN B 76 -23.00 -14.78 17.38
CA ASN B 76 -22.37 -16.09 17.26
C ASN B 76 -21.16 -16.07 16.33
N VAL B 77 -20.38 -15.00 16.42
CA VAL B 77 -19.18 -14.83 15.63
C VAL B 77 -18.01 -14.88 16.59
N THR B 78 -17.10 -15.83 16.36
CA THR B 78 -16.04 -16.13 17.32
C THR B 78 -14.65 -15.84 16.77
N ILE B 79 -14.54 -15.21 15.61
CA ILE B 79 -13.24 -15.13 14.94
C ILE B 79 -12.23 -14.27 15.69
N TRP B 80 -12.68 -13.42 16.63
CA TRP B 80 -11.76 -12.56 17.37
C TRP B 80 -11.55 -12.99 18.82
N ASP B 81 -12.00 -14.20 19.20
CA ASP B 81 -12.02 -14.55 20.61
C ASP B 81 -10.62 -14.68 21.20
N GLU B 82 -9.68 -15.23 20.43
CA GLU B 82 -8.34 -15.49 20.97
C GLU B 82 -7.67 -14.20 21.46
N TRP B 83 -7.69 -13.17 20.63
CA TRP B 83 -6.90 -11.97 20.90
C TRP B 83 -7.57 -11.01 21.87
N ALA B 84 -8.85 -11.20 22.17
CA ALA B 84 -9.51 -10.27 23.07
C ALA B 84 -9.11 -10.53 24.52
N ASP B 85 -9.27 -9.51 25.36
CA ASP B 85 -8.95 -9.64 26.77
C ASP B 85 -10.17 -10.10 27.56
N GLU B 86 -10.02 -10.21 28.88
CA GLU B 86 -11.09 -10.80 29.68
C GLU B 86 -12.38 -10.00 29.59
N ASN B 87 -12.33 -8.75 29.12
CA ASN B 87 -13.51 -7.91 28.99
C ASN B 87 -14.03 -7.87 27.56
N GLY B 88 -13.42 -8.62 26.67
CA GLY B 88 -13.81 -8.60 25.29
C GLY B 88 -13.12 -7.54 24.46
N ASP B 89 -12.17 -6.80 25.03
CA ASP B 89 -11.55 -5.66 24.36
C ASP B 89 -10.37 -6.08 23.51
N LEU B 90 -10.17 -5.34 22.42
CA LEU B 90 -9.06 -5.57 21.52
C LEU B 90 -8.09 -4.39 21.45
N GLY B 91 -8.37 -3.30 22.14
CA GLY B 91 -7.66 -2.06 21.93
C GLY B 91 -8.18 -1.31 20.71
N PRO B 92 -7.47 -0.25 20.32
CA PRO B 92 -7.99 0.62 19.23
C PRO B 92 -7.64 0.09 17.84
N VAL B 93 -8.24 -1.04 17.49
CA VAL B 93 -7.97 -1.71 16.23
C VAL B 93 -8.94 -1.14 15.18
N TYR B 94 -9.18 -1.88 14.11
CA TYR B 94 -9.82 -1.38 12.90
C TYR B 94 -10.96 -0.40 13.16
N GLY B 95 -11.97 -0.84 13.92
CA GLY B 95 -13.17 -0.03 14.08
C GLY B 95 -12.87 1.35 14.63
N LYS B 96 -11.99 1.43 15.64
CA LYS B 96 -11.70 2.72 16.25
C LYS B 96 -10.99 3.65 15.27
N GLN B 97 -10.05 3.13 14.50
CA GLN B 97 -9.32 3.99 13.57
C GLN B 97 -10.19 4.41 12.39
N TRP B 98 -11.02 3.49 11.88
CA TRP B 98 -11.93 3.85 10.80
C TRP B 98 -12.84 5.01 11.21
N ARG B 99 -13.37 4.98 12.44
CA ARG B 99 -14.42 5.92 12.81
C ARG B 99 -13.97 7.09 13.68
N ALA B 100 -12.82 7.01 14.32
CA ALA B 100 -12.41 8.04 15.27
C ALA B 100 -10.89 8.02 15.44
N TRP B 101 -10.16 8.20 14.35
CA TRP B 101 -8.70 8.34 14.41
C TRP B 101 -8.37 9.54 15.28
N PRO B 102 -7.59 9.36 16.36
CA PRO B 102 -7.30 10.48 17.27
C PRO B 102 -6.13 11.34 16.77
N THR B 103 -6.30 12.65 16.78
CA THR B 103 -5.22 13.55 16.39
C THR B 103 -4.29 13.73 17.57
N PRO B 104 -3.08 14.26 17.36
CA PRO B 104 -2.20 14.50 18.51
C PRO B 104 -2.78 15.51 19.48
N ASP B 105 -3.71 16.37 19.05
CA ASP B 105 -4.24 17.45 19.86
C ASP B 105 -5.62 17.15 20.44
N GLY B 106 -6.04 15.89 20.48
CA GLY B 106 -7.28 15.53 21.15
C GLY B 106 -8.55 15.65 20.33
N ARG B 107 -8.45 15.79 19.01
CA ARG B 107 -9.61 15.74 18.12
C ARG B 107 -9.69 14.33 17.55
N HIS B 108 -10.72 14.09 16.73
CA HIS B 108 -10.85 12.83 16.03
C HIS B 108 -11.27 13.10 14.59
N ILE B 109 -10.86 12.17 13.72
CA ILE B 109 -11.24 12.16 12.31
C ILE B 109 -12.01 10.86 12.02
N ASP B 110 -13.20 11.02 11.44
CA ASP B 110 -14.07 9.90 11.05
C ASP B 110 -13.69 9.60 9.60
N GLN B 111 -12.83 8.59 9.39
CA GLN B 111 -12.34 8.37 8.04
C GLN B 111 -13.41 7.85 7.10
N ILE B 112 -14.39 7.11 7.62
CA ILE B 112 -15.49 6.64 6.75
C ILE B 112 -16.38 7.80 6.33
N THR B 113 -16.81 8.64 7.27
CA THR B 113 -17.55 9.86 6.91
C THR B 113 -16.78 10.73 5.91
N THR B 114 -15.47 10.89 6.12
CA THR B 114 -14.66 11.65 5.18
C THR B 114 -14.71 11.06 3.77
N VAL B 115 -14.53 9.73 3.65
CA VAL B 115 -14.51 9.09 2.33
C VAL B 115 -15.86 9.22 1.65
N LEU B 116 -16.95 9.02 2.40
CA LEU B 116 -18.27 9.24 1.80
C LEU B 116 -18.42 10.67 1.27
N ASN B 117 -17.97 11.67 2.03
CA ASN B 117 -18.09 13.04 1.56
C ASN B 117 -17.17 13.29 0.36
N GLN B 118 -16.00 12.67 0.31
CA GLN B 118 -15.13 12.78 -0.86
C GLN B 118 -15.76 12.14 -2.10
N LEU B 119 -16.32 10.94 -1.95
CA LEU B 119 -16.95 10.29 -3.10
C LEU B 119 -18.13 11.11 -3.62
N LYS B 120 -18.90 11.74 -2.72
CA LYS B 120 -20.06 12.48 -3.15
C LYS B 120 -19.71 13.88 -3.65
N ASN B 121 -18.66 14.49 -3.11
CA ASN B 121 -18.32 15.87 -3.44
C ASN B 121 -17.10 15.96 -4.36
N ASP B 122 -16.07 15.13 -4.15
CA ASP B 122 -14.77 15.24 -4.80
C ASP B 122 -14.32 13.88 -5.33
N PRO B 123 -15.10 13.28 -6.24
CA PRO B 123 -14.82 11.89 -6.63
C PRO B 123 -13.55 11.72 -7.42
N ASP B 124 -13.02 12.79 -8.02
CA ASP B 124 -11.74 12.70 -8.71
C ASP B 124 -10.55 12.80 -7.77
N SER B 125 -10.77 12.98 -6.47
CA SER B 125 -9.66 13.09 -5.53
C SER B 125 -8.72 11.89 -5.62
N ARG B 126 -7.43 12.14 -5.49
CA ARG B 126 -6.43 11.09 -5.45
C ARG B 126 -6.05 10.71 -4.03
N ARG B 127 -6.86 11.10 -3.04
CA ARG B 127 -6.51 10.81 -1.66
C ARG B 127 -7.74 10.34 -0.91
N ILE B 128 -8.53 9.45 -1.50
CA ILE B 128 -9.72 8.91 -0.86
C ILE B 128 -9.26 7.64 -0.15
N ILE B 129 -8.80 7.79 1.10
CA ILE B 129 -8.01 6.77 1.76
C ILE B 129 -8.55 6.55 3.16
N VAL B 130 -8.52 5.28 3.59
CA VAL B 130 -8.74 4.90 4.98
C VAL B 130 -7.50 4.13 5.44
N SER B 131 -6.91 4.53 6.56
CA SER B 131 -5.78 3.80 7.11
C SER B 131 -6.09 3.35 8.53
N ALA B 132 -5.82 2.07 8.80
CA ALA B 132 -5.86 1.56 10.16
C ALA B 132 -4.46 1.53 10.79
N TRP B 133 -3.41 1.84 10.01
CA TRP B 133 -2.01 1.77 10.48
C TRP B 133 -1.67 3.05 11.26
N ASN B 134 -2.21 3.11 12.48
CA ASN B 134 -1.98 4.24 13.38
C ASN B 134 -0.75 3.93 14.22
N VAL B 135 0.41 4.40 13.75
CA VAL B 135 1.70 4.06 14.34
C VAL B 135 1.70 4.30 15.84
N GLY B 136 1.08 5.40 16.25
CA GLY B 136 1.10 5.82 17.63
C GLY B 136 0.17 5.05 18.55
N GLU B 137 -0.67 4.16 18.03
CA GLU B 137 -1.51 3.32 18.87
C GLU B 137 -1.28 1.83 18.65
N LEU B 138 -0.31 1.44 17.82
CA LEU B 138 -0.06 0.02 17.61
C LEU B 138 0.20 -0.69 18.92
N ASP B 139 0.92 -0.02 19.84
CA ASP B 139 1.29 -0.63 21.11
C ASP B 139 0.07 -1.00 21.93
N LYS B 140 -1.05 -0.31 21.72
CA LYS B 140 -2.27 -0.58 22.47
C LYS B 140 -3.16 -1.63 21.82
N MET B 141 -2.87 -2.03 20.59
CA MET B 141 -3.74 -2.99 19.91
C MET B 141 -3.40 -4.42 20.28
N ALA B 142 -4.42 -5.28 20.30
CA ALA B 142 -4.17 -6.69 20.56
C ALA B 142 -3.37 -7.33 19.43
N LEU B 143 -3.57 -6.84 18.22
N LEU B 143 -3.54 -6.82 18.21
CA LEU B 143 -2.89 -7.30 17.01
CA LEU B 143 -2.89 -7.32 17.02
C LEU B 143 -2.68 -6.06 16.14
C LEU B 143 -2.71 -6.11 16.09
N ALA B 144 -1.55 -6.02 15.44
CA ALA B 144 -1.33 -4.95 14.47
C ALA B 144 -2.20 -5.23 13.24
N PRO B 145 -2.84 -4.20 12.66
CA PRO B 145 -3.73 -4.43 11.53
C PRO B 145 -3.04 -5.20 10.42
N CYS B 146 -3.71 -6.26 9.94
N CYS B 146 -3.71 -6.22 9.90
CA CYS B 146 -3.25 -6.99 8.76
CA CYS B 146 -3.18 -6.90 8.72
C CYS B 146 -3.66 -6.25 7.48
C CYS B 146 -3.66 -6.28 7.43
N HIS B 147 -4.96 -5.96 7.34
CA HIS B 147 -5.49 -5.18 6.20
C HIS B 147 -5.35 -3.73 6.61
N ALA B 148 -4.21 -3.13 6.22
CA ALA B 148 -3.68 -1.96 6.90
C ALA B 148 -4.16 -0.62 6.34
N PHE B 149 -4.41 -0.54 5.04
N PHE B 149 -4.53 -0.56 5.05
CA PHE B 149 -4.97 0.69 4.51
CA PHE B 149 -4.60 0.65 4.24
C PHE B 149 -5.45 0.46 3.10
C PHE B 149 -5.51 0.33 3.05
N PHE B 150 -6.49 1.19 2.75
CA PHE B 150 -7.20 1.04 1.49
C PHE B 150 -7.54 2.39 0.88
N GLN B 151 -7.70 2.37 -0.44
CA GLN B 151 -7.86 3.56 -1.25
C GLN B 151 -9.01 3.34 -2.23
N PHE B 152 -9.88 4.32 -2.35
CA PHE B 152 -10.96 4.32 -3.34
C PHE B 152 -10.62 5.22 -4.54
N TYR B 153 -11.35 4.97 -5.63
CA TYR B 153 -11.06 5.56 -6.94
C TYR B 153 -12.34 5.54 -7.76
N VAL B 154 -12.61 6.63 -8.48
CA VAL B 154 -13.84 6.72 -9.26
C VAL B 154 -13.45 7.05 -10.69
N ALA B 155 -13.95 6.27 -11.64
CA ALA B 155 -13.77 6.57 -13.06
C ALA B 155 -14.99 6.06 -13.80
N ASP B 156 -15.55 6.90 -14.66
CA ASP B 156 -16.67 6.50 -15.54
C ASP B 156 -17.84 5.94 -14.73
N GLY B 157 -18.13 6.58 -13.59
CA GLY B 157 -19.25 6.16 -12.75
C GLY B 157 -19.09 4.86 -11.98
N LYS B 158 -17.90 4.28 -11.92
CA LYS B 158 -17.65 3.04 -11.20
C LYS B 158 -16.72 3.29 -10.03
N LEU B 159 -16.98 2.63 -8.91
CA LEU B 159 -16.16 2.73 -7.71
C LEU B 159 -15.22 1.54 -7.63
N SER B 160 -13.93 1.82 -7.56
CA SER B 160 -12.92 0.79 -7.33
C SER B 160 -12.28 1.00 -5.96
N CYS B 161 -11.63 -0.05 -5.47
CA CYS B 161 -10.96 0.01 -4.18
C CYS B 161 -9.73 -0.88 -4.24
N GLN B 162 -8.64 -0.41 -3.64
CA GLN B 162 -7.41 -1.18 -3.50
C GLN B 162 -7.03 -1.29 -2.04
N LEU B 163 -6.77 -2.52 -1.62
CA LEU B 163 -6.33 -2.85 -0.26
C LEU B 163 -4.85 -3.23 -0.24
N TYR B 164 -4.10 -2.67 0.71
CA TYR B 164 -2.74 -3.10 1.03
C TYR B 164 -2.80 -3.95 2.30
N GLN B 165 -2.51 -5.25 2.14
CA GLN B 165 -2.50 -6.22 3.22
C GLN B 165 -1.04 -6.57 3.50
N ARG B 166 -0.54 -6.13 4.66
CA ARG B 166 0.87 -6.27 4.97
C ARG B 166 1.25 -7.70 5.29
N SER B 167 0.28 -8.49 5.77
CA SER B 167 0.52 -9.86 6.15
C SER B 167 -0.73 -10.66 5.82
N CYS B 168 -0.56 -11.80 5.16
CA CYS B 168 -1.70 -12.52 4.60
C CYS B 168 -1.54 -14.03 4.79
N ASP B 169 -2.39 -14.60 5.64
CA ASP B 169 -2.59 -16.04 5.73
C ASP B 169 -3.43 -16.44 4.51
N VAL B 170 -2.79 -17.01 3.49
CA VAL B 170 -3.46 -17.20 2.20
C VAL B 170 -4.64 -18.16 2.35
N PHE B 171 -4.47 -19.20 3.18
CA PHE B 171 -5.49 -20.24 3.27
C PHE B 171 -6.69 -19.77 4.11
N LEU B 172 -6.46 -19.29 5.33
CA LEU B 172 -7.56 -18.96 6.23
C LEU B 172 -8.05 -17.51 6.08
N GLY B 173 -7.14 -16.57 6.03
CA GLY B 173 -7.54 -15.18 6.02
C GLY B 173 -7.95 -14.58 4.69
N LEU B 174 -7.20 -14.83 3.62
CA LEU B 174 -7.44 -14.11 2.37
C LEU B 174 -8.84 -14.26 1.80
N PRO B 175 -9.47 -15.45 1.76
CA PRO B 175 -10.84 -15.49 1.23
C PRO B 175 -11.79 -14.55 1.97
N PHE B 176 -11.67 -14.49 3.30
CA PHE B 176 -12.50 -13.59 4.10
C PHE B 176 -12.20 -12.14 3.80
N ASN B 177 -10.91 -11.78 3.76
CA ASN B 177 -10.48 -10.42 3.48
C ASN B 177 -11.00 -9.92 2.14
N ILE B 178 -10.87 -10.75 1.10
CA ILE B 178 -11.37 -10.33 -0.22
C ILE B 178 -12.88 -10.06 -0.18
N ALA B 179 -13.63 -10.95 0.45
CA ALA B 179 -15.08 -10.82 0.48
C ALA B 179 -15.53 -9.59 1.27
N SER B 180 -14.88 -9.35 2.42
CA SER B 180 -15.18 -8.21 3.26
C SER B 180 -15.05 -6.88 2.49
N TYR B 181 -13.92 -6.66 1.83
CA TYR B 181 -13.72 -5.41 1.11
C TYR B 181 -14.59 -5.34 -0.16
N ALA B 182 -14.84 -6.46 -0.83
CA ALA B 182 -15.79 -6.44 -1.93
C ALA B 182 -17.17 -6.00 -1.46
N LEU B 183 -17.58 -6.47 -0.28
CA LEU B 183 -18.86 -6.05 0.28
C LEU B 183 -18.88 -4.56 0.60
N LEU B 184 -17.81 -4.05 1.20
CA LEU B 184 -17.76 -2.63 1.47
C LEU B 184 -17.88 -1.82 0.20
N VAL B 185 -17.24 -2.26 -0.90
CA VAL B 185 -17.36 -1.51 -2.15
C VAL B 185 -18.80 -1.44 -2.60
N HIS B 186 -19.53 -2.56 -2.54
CA HIS B 186 -20.92 -2.55 -2.96
C HIS B 186 -21.74 -1.59 -2.10
N MET B 187 -21.41 -1.51 -0.81
CA MET B 187 -22.20 -0.67 0.09
C MET B 187 -21.92 0.81 -0.16
N MET B 188 -20.66 1.18 -0.32
N MET B 188 -20.64 1.16 -0.30
CA MET B 188 -20.34 2.57 -0.60
CA MET B 188 -20.24 2.52 -0.61
C MET B 188 -20.86 2.99 -1.97
C MET B 188 -20.83 2.97 -1.95
N ALA B 189 -20.76 2.10 -2.96
CA ALA B 189 -21.32 2.43 -4.26
C ALA B 189 -22.83 2.69 -4.16
N GLN B 190 -23.53 1.89 -3.35
CA GLN B 190 -24.97 2.09 -3.21
C GLN B 190 -25.26 3.45 -2.59
N GLN B 191 -24.52 3.81 -1.54
CA GLN B 191 -24.73 5.07 -0.87
C GLN B 191 -24.36 6.27 -1.74
N CYS B 192 -23.47 6.08 -2.72
CA CYS B 192 -23.02 7.19 -3.56
C CYS B 192 -23.58 7.14 -4.97
N ASP B 193 -24.60 6.33 -5.22
CA ASP B 193 -25.17 6.10 -6.54
C ASP B 193 -24.10 5.91 -7.60
N LEU B 194 -23.15 5.03 -7.32
CA LEU B 194 -22.14 4.62 -8.28
C LEU B 194 -22.33 3.14 -8.63
N GLU B 195 -21.76 2.73 -9.76
CA GLU B 195 -21.64 1.32 -10.12
C GLU B 195 -20.35 0.75 -9.50
N VAL B 196 -20.29 -0.59 -9.34
CA VAL B 196 -19.07 -1.19 -8.76
C VAL B 196 -18.03 -1.40 -9.86
N GLY B 197 -16.77 -1.20 -9.51
CA GLY B 197 -15.68 -1.33 -10.46
C GLY B 197 -14.82 -2.49 -10.02
N ASP B 198 -13.54 -2.25 -9.77
CA ASP B 198 -12.60 -3.31 -9.40
C ASP B 198 -12.29 -3.29 -7.91
N PHE B 199 -12.06 -4.48 -7.36
CA PHE B 199 -11.33 -4.61 -6.10
C PHE B 199 -9.92 -5.13 -6.40
N VAL B 200 -8.92 -4.32 -6.10
CA VAL B 200 -7.52 -4.65 -6.30
C VAL B 200 -6.94 -5.04 -4.94
N TRP B 201 -6.41 -6.26 -4.84
CA TRP B 201 -5.78 -6.76 -3.64
C TRP B 201 -4.27 -6.76 -3.81
N THR B 202 -3.54 -6.13 -2.88
CA THR B 202 -2.08 -6.09 -2.89
C THR B 202 -1.55 -6.64 -1.57
N GLY B 203 -0.63 -7.60 -1.67
CA GLY B 203 -0.08 -8.27 -0.51
C GLY B 203 1.38 -7.90 -0.26
N GLY B 204 1.73 -7.78 1.03
CA GLY B 204 3.13 -7.78 1.45
C GLY B 204 3.64 -9.21 1.68
N ASP B 205 3.84 -9.59 2.94
CA ASP B 205 4.29 -10.93 3.33
C ASP B 205 3.11 -11.89 3.19
N THR B 206 3.11 -12.67 2.12
CA THR B 206 1.98 -13.47 1.69
C THR B 206 2.39 -14.92 1.83
N HIS B 207 1.72 -15.66 2.72
CA HIS B 207 2.30 -16.90 3.20
C HIS B 207 1.26 -17.99 3.39
N LEU B 208 1.75 -19.23 3.36
CA LEU B 208 0.97 -20.40 3.72
C LEU B 208 1.61 -21.04 4.95
N TYR B 209 0.83 -21.27 6.00
CA TYR B 209 1.38 -21.95 7.18
C TYR B 209 1.73 -23.42 6.89
N SER B 210 2.78 -23.90 7.57
N SER B 210 2.75 -23.91 7.59
CA SER B 210 3.28 -25.24 7.28
CA SER B 210 3.32 -25.22 7.31
C SER B 210 2.23 -26.30 7.56
C SER B 210 2.40 -26.35 7.74
N ASN B 211 1.39 -26.10 8.57
CA ASN B 211 0.37 -27.08 8.89
C ASN B 211 -0.91 -26.87 8.10
N HIS B 212 -0.86 -26.07 7.03
CA HIS B 212 -1.98 -25.95 6.09
C HIS B 212 -1.70 -26.62 4.74
N MET B 213 -0.67 -27.45 4.65
CA MET B 213 -0.25 -27.93 3.34
C MET B 213 -1.17 -29.02 2.79
N ASP B 214 -1.63 -29.95 3.64
CA ASP B 214 -2.59 -30.93 3.18
C ASP B 214 -3.85 -30.27 2.64
N GLN B 215 -4.32 -29.23 3.36
CA GLN B 215 -5.52 -28.51 2.98
C GLN B 215 -5.32 -27.73 1.68
N THR B 216 -4.14 -27.14 1.51
CA THR B 216 -3.83 -26.46 0.26
C THR B 216 -3.84 -27.43 -0.91
N HIS B 217 -3.15 -28.55 -0.77
CA HIS B 217 -3.16 -29.50 -1.88
C HIS B 217 -4.56 -29.96 -2.19
N LEU B 218 -5.40 -30.13 -1.18
CA LEU B 218 -6.77 -30.54 -1.45
C LEU B 218 -7.49 -29.46 -2.24
N GLN B 219 -7.32 -28.21 -1.85
CA GLN B 219 -8.09 -27.15 -2.48
C GLN B 219 -7.61 -26.92 -3.91
N LEU B 220 -6.29 -27.06 -4.15
CA LEU B 220 -5.74 -26.85 -5.49
C LEU B 220 -6.21 -27.93 -6.44
N SER B 221 -6.75 -29.03 -5.94
CA SER B 221 -7.30 -30.05 -6.81
C SER B 221 -8.76 -29.79 -7.22
N ARG B 222 -9.36 -28.69 -6.80
CA ARG B 222 -10.76 -28.43 -7.08
C ARG B 222 -10.89 -27.37 -8.16
N GLU B 223 -11.84 -27.55 -9.03
CA GLU B 223 -12.04 -26.55 -10.08
C GLU B 223 -12.96 -25.46 -9.58
N PRO B 224 -12.58 -24.20 -9.74
CA PRO B 224 -13.47 -23.09 -9.34
C PRO B 224 -14.75 -23.09 -10.16
N ARG B 225 -15.78 -22.49 -9.59
CA ARG B 225 -17.10 -22.42 -10.18
C ARG B 225 -17.49 -20.96 -10.39
N PRO B 226 -18.53 -20.68 -11.17
CA PRO B 226 -18.84 -19.29 -11.49
C PRO B 226 -19.17 -18.53 -10.21
N LEU B 227 -18.75 -17.29 -10.14
CA LEU B 227 -18.95 -16.50 -8.95
C LEU B 227 -20.43 -16.22 -8.73
N PRO B 228 -20.84 -16.12 -7.47
CA PRO B 228 -22.21 -15.73 -7.14
C PRO B 228 -22.47 -14.27 -7.41
N LYS B 229 -23.67 -13.79 -7.12
CA LYS B 229 -24.00 -12.37 -7.24
C LYS B 229 -24.53 -11.91 -5.89
N LEU B 230 -24.08 -10.73 -5.47
CA LEU B 230 -24.53 -10.12 -4.24
C LEU B 230 -25.78 -9.31 -4.53
N ILE B 231 -26.80 -9.45 -3.69
CA ILE B 231 -27.96 -8.55 -3.74
C ILE B 231 -28.13 -7.88 -2.39
N ILE B 232 -28.27 -6.54 -2.43
CA ILE B 232 -28.65 -5.74 -1.29
C ILE B 232 -30.14 -5.44 -1.44
N LYS B 233 -30.92 -5.85 -0.44
CA LYS B 233 -32.37 -5.85 -0.52
C LYS B 233 -33.02 -4.55 -0.08
N ARG B 234 -32.30 -3.67 0.61
CA ARG B 234 -32.79 -2.43 1.17
C ARG B 234 -31.70 -1.39 0.95
N LYS B 235 -32.08 -0.13 0.69
CA LYS B 235 -31.07 0.92 0.73
C LYS B 235 -31.21 1.70 2.03
N PRO B 236 -30.28 1.57 2.96
CA PRO B 236 -30.37 2.33 4.21
C PRO B 236 -30.07 3.81 4.03
N GLU B 237 -30.43 4.56 5.08
CA GLU B 237 -30.27 6.01 5.08
C GLU B 237 -28.81 6.39 4.99
N SER B 238 -27.92 5.55 5.52
CA SER B 238 -26.49 5.83 5.54
C SER B 238 -25.70 4.52 5.56
N ILE B 239 -24.38 4.64 5.29
CA ILE B 239 -23.45 3.50 5.32
C ILE B 239 -23.36 2.87 6.70
N PHE B 240 -23.90 3.56 7.72
CA PHE B 240 -23.85 3.11 9.10
C PHE B 240 -25.12 2.42 9.55
N ASP B 241 -26.08 2.22 8.64
CA ASP B 241 -27.39 1.69 8.99
C ASP B 241 -27.69 0.38 8.29
N TYR B 242 -26.68 -0.34 7.80
CA TYR B 242 -26.93 -1.64 7.21
C TYR B 242 -27.17 -2.68 8.29
N ARG B 243 -27.81 -3.79 7.89
CA ARG B 243 -28.12 -4.90 8.78
C ARG B 243 -27.85 -6.18 8.03
N PHE B 244 -27.62 -7.27 8.77
CA PHE B 244 -27.25 -8.55 8.17
C PHE B 244 -28.32 -9.01 7.18
N GLU B 245 -29.59 -8.79 7.52
CA GLU B 245 -30.72 -9.18 6.69
C GLU B 245 -30.73 -8.47 5.34
N ASP B 246 -29.95 -7.41 5.17
CA ASP B 246 -29.98 -6.67 3.92
C ASP B 246 -29.29 -7.40 2.78
N PHE B 247 -28.51 -8.44 3.10
CA PHE B 247 -27.58 -9.03 2.15
C PHE B 247 -28.05 -10.43 1.76
N GLU B 248 -28.01 -10.71 0.46
CA GLU B 248 -28.30 -12.03 -0.06
C GLU B 248 -27.24 -12.35 -1.11
N ILE B 249 -26.75 -13.59 -1.07
CA ILE B 249 -25.83 -14.11 -2.06
C ILE B 249 -26.61 -15.14 -2.85
N GLU B 250 -26.66 -14.97 -4.16
CA GLU B 250 -27.44 -15.83 -5.04
C GLU B 250 -26.50 -16.62 -5.92
N GLY B 251 -26.78 -17.91 -6.09
CA GLY B 251 -25.97 -18.72 -6.97
C GLY B 251 -24.61 -19.12 -6.46
N TYR B 252 -24.44 -19.27 -5.13
CA TYR B 252 -23.18 -19.69 -4.53
C TYR B 252 -23.23 -21.20 -4.40
N ASP B 253 -22.38 -21.89 -5.16
CA ASP B 253 -22.36 -23.35 -5.23
C ASP B 253 -20.94 -23.79 -4.95
N PRO B 254 -20.45 -23.59 -3.73
CA PRO B 254 -19.06 -23.94 -3.41
C PRO B 254 -18.85 -25.45 -3.23
N HIS B 255 -17.59 -25.84 -3.38
CA HIS B 255 -17.12 -27.11 -2.87
C HIS B 255 -17.20 -27.12 -1.36
N PRO B 256 -17.08 -28.28 -0.73
CA PRO B 256 -17.20 -28.36 0.73
C PRO B 256 -16.17 -27.52 1.46
N GLY B 257 -16.54 -27.09 2.66
CA GLY B 257 -15.59 -26.39 3.50
C GLY B 257 -14.38 -27.25 3.84
N ILE B 258 -13.26 -26.59 4.13
CA ILE B 258 -12.01 -27.26 4.48
C ILE B 258 -11.55 -26.69 5.83
N LYS B 259 -11.31 -27.58 6.79
CA LYS B 259 -10.96 -27.16 8.14
C LYS B 259 -9.43 -27.18 8.30
N ALA B 260 -8.92 -26.13 8.92
CA ALA B 260 -7.49 -25.99 9.17
C ALA B 260 -7.24 -25.25 10.47
N PRO B 261 -6.16 -25.59 11.19
CA PRO B 261 -5.90 -24.95 12.49
C PRO B 261 -5.31 -23.56 12.35
N VAL B 262 -5.79 -22.62 13.16
CA VAL B 262 -5.38 -21.23 13.03
C VAL B 262 -4.12 -21.00 13.86
N ALA B 263 -3.14 -20.32 13.25
CA ALA B 263 -1.91 -19.94 13.93
C ALA B 263 -2.15 -18.67 14.73
N ILE B 264 -1.92 -18.75 16.04
CA ILE B 264 -2.27 -17.66 16.93
C ILE B 264 -1.21 -16.56 16.90
#